data_7CI4
#
_entry.id   7CI4
#
_cell.length_a   68.367
_cell.length_b   51.180
_cell.length_c   96.763
_cell.angle_alpha   90.00
_cell.angle_beta   108.22
_cell.angle_gamma   90.00
#
_symmetry.space_group_name_H-M   'P 1 21 1'
#
loop_
_entity.id
_entity.type
_entity.pdbx_description
1 polymer 'UDP-3-O-acyl-N-acetylglucosamine deacetylase'
2 non-polymer (2R)-2-azanyl-4-methylsulfonyl-N-[3-(trifluoromethyloxy)phenyl]butanamide
3 non-polymer 'ZINC ION'
4 non-polymer 'MAGNESIUM ION'
5 non-polymer 'CHLORIDE ION'
6 water water
#
_entity_poly.entity_id   1
_entity_poly.type   'polypeptide(L)'
_entity_poly.pdbx_seq_one_letter_code
;MIKQRTLKNIIRATGVGLHSGEKVYLTLKPAPVDTGIVFSRTDLDPVVEIPARAENVGETTMSTTLVKGDVKVDTVEHLL
SAMAGLGIDNAYVELSASEVPIMDGSAGPFVFLIQSAGLQEQEAAKKFIRIKREVSVEEGDKRAVFVPFDGFKVSFEIDF
DHPVFRGRTQQASVDFSSTSFVKEVSRARTFGFMRDIEYLRSQNLALGGSVENAIVVDENRVLNEDGLRYEDEFVKHKIL
DAIGDLYLLGNSLIGEFRGFKSGHALNNQLLRTLIADKDAWEVVTFEDARTAPISYMRP
;
_entity_poly.pdbx_strand_id   A,B
#
loop_
_chem_comp.id
_chem_comp.type
_chem_comp.name
_chem_comp.formula
CL non-polymer 'CHLORIDE ION' 'Cl -1'
FXU non-polymer (2R)-2-azanyl-4-methylsulfonyl-N-[3-(trifluoromethyloxy)phenyl]butanamide 'C12 H15 F3 N2 O4 S'
MG non-polymer 'MAGNESIUM ION' 'Mg 2'
ZN non-polymer 'ZINC ION' 'Zn 2'
#
# COMPACT_ATOMS: atom_id res chain seq x y z
N MET A 1 22.20 -22.54 -5.34
CA MET A 1 21.29 -21.41 -4.99
C MET A 1 20.01 -21.97 -4.36
N ILE A 2 19.48 -21.34 -3.30
CA ILE A 2 18.15 -21.74 -2.76
C ILE A 2 17.13 -21.35 -3.84
N LYS A 3 16.42 -22.35 -4.36
CA LYS A 3 15.52 -22.20 -5.52
C LYS A 3 14.10 -21.87 -5.05
N GLN A 4 13.34 -21.16 -5.89
CA GLN A 4 11.88 -20.95 -5.73
C GLN A 4 11.16 -22.30 -5.83
N ARG A 5 10.00 -22.41 -5.18
CA ARG A 5 9.20 -23.64 -5.17
C ARG A 5 7.79 -23.36 -5.64
N THR A 6 7.25 -24.28 -6.43
CA THR A 6 5.81 -24.37 -6.76
C THR A 6 5.36 -25.80 -6.43
N LEU A 7 4.08 -26.08 -6.67
CA LEU A 7 3.54 -27.45 -6.53
C LEU A 7 4.03 -28.34 -7.68
N LYS A 8 4.19 -29.65 -7.43
CA LYS A 8 4.57 -30.66 -8.45
C LYS A 8 3.34 -31.07 -9.26
N ASN A 9 2.14 -30.87 -8.71
CA ASN A 9 0.89 -31.43 -9.25
C ASN A 9 -0.28 -30.49 -8.95
N ILE A 10 -1.27 -30.52 -9.84
CA ILE A 10 -2.63 -30.00 -9.54
C ILE A 10 -3.24 -30.90 -8.45
N ILE A 11 -3.92 -30.30 -7.50
CA ILE A 11 -4.47 -30.99 -6.30
C ILE A 11 -5.72 -30.20 -5.92
N ARG A 12 -6.83 -30.91 -5.79
CA ARG A 12 -8.20 -30.37 -5.57
C ARG A 12 -8.69 -30.78 -4.18
N ALA A 13 -9.46 -29.92 -3.52
CA ALA A 13 -10.20 -30.28 -2.29
C ALA A 13 -11.57 -29.58 -2.32
N THR A 14 -12.45 -30.06 -1.46
CA THR A 14 -13.84 -29.58 -1.28
C THR A 14 -14.01 -29.30 0.20
N GLY A 15 -14.63 -28.18 0.55
CA GLY A 15 -14.97 -27.90 1.95
C GLY A 15 -16.09 -26.91 1.97
N VAL A 16 -16.47 -26.43 3.16
CA VAL A 16 -17.62 -25.51 3.34
C VAL A 16 -17.04 -24.12 3.63
N GLY A 17 -17.64 -23.07 3.08
CA GLY A 17 -17.33 -21.68 3.45
C GLY A 17 -17.76 -21.44 4.87
N LEU A 18 -16.94 -20.73 5.64
CA LEU A 18 -17.19 -20.53 7.09
C LEU A 18 -18.51 -19.77 7.27
N HIS A 19 -18.76 -18.73 6.48
CA HIS A 19 -19.99 -17.91 6.61
C HIS A 19 -21.12 -18.48 5.75
N SER A 20 -20.82 -18.97 4.56
CA SER A 20 -21.85 -19.44 3.59
C SER A 20 -22.43 -20.79 4.05
N GLY A 21 -21.63 -21.64 4.71
CA GLY A 21 -21.96 -23.04 5.00
C GLY A 21 -22.13 -23.93 3.76
N GLU A 22 -21.80 -23.45 2.55
CA GLU A 22 -21.99 -24.21 1.28
C GLU A 22 -20.64 -24.70 0.76
N LYS A 23 -20.67 -25.74 -0.06
CA LYS A 23 -19.46 -26.35 -0.65
C LYS A 23 -18.71 -25.29 -1.47
N VAL A 24 -17.38 -25.31 -1.35
CA VAL A 24 -16.43 -24.53 -2.18
C VAL A 24 -15.47 -25.55 -2.79
N TYR A 25 -15.14 -25.36 -4.06
CA TYR A 25 -14.16 -26.24 -4.76
C TYR A 25 -12.84 -25.46 -4.80
N LEU A 26 -11.79 -26.05 -4.23
CA LEU A 26 -10.44 -25.45 -4.18
C LEU A 26 -9.56 -26.29 -5.10
N THR A 27 -8.81 -25.61 -5.96
CA THR A 27 -7.78 -26.19 -6.84
C THR A 27 -6.47 -25.42 -6.63
N LEU A 28 -5.46 -26.10 -6.14
CA LEU A 28 -4.06 -25.62 -6.09
C LEU A 28 -3.36 -26.09 -7.36
N LYS A 29 -2.78 -25.14 -8.09
CA LYS A 29 -2.04 -25.41 -9.33
C LYS A 29 -0.62 -24.86 -9.23
N PRO A 30 0.32 -25.53 -9.94
CA PRO A 30 1.65 -24.99 -10.20
C PRO A 30 1.55 -23.58 -10.80
N ALA A 31 2.58 -22.76 -10.63
CA ALA A 31 2.64 -21.45 -11.29
C ALA A 31 4.09 -21.14 -11.60
N PRO A 32 4.34 -20.32 -12.64
CA PRO A 32 5.71 -20.01 -13.05
C PRO A 32 6.45 -19.20 -11.97
N VAL A 33 7.76 -19.13 -12.10
CA VAL A 33 8.66 -18.35 -11.19
C VAL A 33 8.15 -16.90 -11.12
N ASP A 34 8.34 -16.27 -9.97
CA ASP A 34 7.96 -14.86 -9.69
C ASP A 34 6.45 -14.60 -9.87
N THR A 35 5.58 -15.61 -9.80
CA THR A 35 4.11 -15.38 -9.83
C THR A 35 3.64 -14.96 -8.42
N GLY A 36 4.23 -15.58 -7.40
CA GLY A 36 3.73 -15.49 -6.02
C GLY A 36 2.49 -16.35 -5.88
N ILE A 37 1.72 -16.16 -4.82
CA ILE A 37 0.42 -16.87 -4.62
C ILE A 37 -0.66 -16.00 -5.26
N VAL A 38 -1.42 -16.57 -6.18
CA VAL A 38 -2.52 -15.82 -6.86
C VAL A 38 -3.82 -16.56 -6.57
N PHE A 39 -4.78 -15.87 -5.99
CA PHE A 39 -6.14 -16.41 -5.78
C PHE A 39 -6.88 -16.14 -7.09
N SER A 40 -7.72 -17.07 -7.53
CA SER A 40 -8.47 -16.90 -8.80
C SER A 40 -9.91 -17.35 -8.60
N ARG A 41 -10.86 -16.45 -8.84
CA ARG A 41 -12.32 -16.68 -8.66
C ARG A 41 -12.87 -17.25 -9.98
N THR A 42 -12.78 -18.57 -10.14
CA THR A 42 -13.12 -19.26 -11.42
C THR A 42 -14.63 -19.41 -11.59
N ASP A 43 -15.43 -19.09 -10.56
CA ASP A 43 -16.92 -19.05 -10.71
C ASP A 43 -17.32 -17.82 -11.54
N LEU A 44 -16.44 -16.84 -11.73
CA LEU A 44 -16.80 -15.58 -12.44
C LEU A 44 -16.36 -15.64 -13.92
N ASP A 45 -17.03 -14.87 -14.78
CA ASP A 45 -16.72 -14.72 -16.23
C ASP A 45 -16.71 -13.23 -16.57
N PRO A 46 -15.53 -12.64 -16.88
CA PRO A 46 -14.25 -13.36 -16.91
C PRO A 46 -13.74 -13.74 -15.52
N VAL A 47 -12.73 -14.61 -15.46
CA VAL A 47 -12.10 -15.07 -14.19
C VAL A 47 -11.46 -13.84 -13.54
N VAL A 48 -11.55 -13.70 -12.21
CA VAL A 48 -10.90 -12.59 -11.47
C VAL A 48 -9.72 -13.12 -10.64
N GLU A 49 -8.52 -12.65 -10.95
CA GLU A 49 -7.25 -13.00 -10.27
C GLU A 49 -6.97 -11.90 -9.24
N ILE A 50 -6.63 -12.30 -8.02
CA ILE A 50 -6.15 -11.35 -6.98
C ILE A 50 -4.86 -11.89 -6.39
N PRO A 51 -3.70 -11.25 -6.67
CA PRO A 51 -2.47 -11.62 -6.00
C PRO A 51 -2.61 -11.48 -4.47
N ALA A 52 -2.10 -12.48 -3.75
CA ALA A 52 -2.02 -12.50 -2.28
C ALA A 52 -0.94 -11.51 -1.85
N ARG A 53 -1.25 -10.21 -1.91
CA ARG A 53 -0.31 -9.11 -1.55
C ARG A 53 -0.97 -8.16 -0.55
N ALA A 54 -0.18 -7.54 0.33
CA ALA A 54 -0.65 -6.76 1.49
C ALA A 54 -1.60 -5.66 1.03
N GLU A 55 -1.25 -5.01 -0.08
CA GLU A 55 -1.95 -3.86 -0.68
C GLU A 55 -3.36 -4.28 -1.08
N ASN A 56 -3.60 -5.56 -1.38
CA ASN A 56 -4.93 -6.07 -1.80
C ASN A 56 -5.78 -6.49 -0.58
N VAL A 57 -5.32 -6.32 0.66
CA VAL A 57 -6.13 -6.70 1.85
C VAL A 57 -7.24 -5.67 2.04
N GLY A 58 -8.49 -6.12 2.11
CA GLY A 58 -9.66 -5.29 2.43
C GLY A 58 -9.81 -5.11 3.93
N GLU A 59 -10.60 -4.15 4.37
CA GLU A 59 -10.79 -3.86 5.82
C GLU A 59 -11.97 -4.71 6.34
N THR A 60 -11.67 -5.83 7.01
CA THR A 60 -12.66 -6.80 7.55
C THR A 60 -12.22 -7.30 8.93
N THR A 61 -13.19 -7.81 9.70
CA THR A 61 -13.03 -8.22 11.11
C THR A 61 -12.72 -9.73 11.17
N MET A 62 -11.72 -10.10 11.98
CA MET A 62 -11.44 -11.48 12.51
C MET A 62 -11.08 -12.48 11.38
N SER A 63 -10.83 -12.00 10.16
CA SER A 63 -10.26 -12.77 9.03
C SER A 63 -9.54 -11.85 8.05
N THR A 64 -8.61 -12.40 7.28
CA THR A 64 -7.90 -11.65 6.25
C THR A 64 -8.65 -11.88 4.95
N THR A 65 -9.09 -10.79 4.33
CA THR A 65 -9.83 -10.76 3.05
C THR A 65 -8.96 -10.07 2.00
N LEU A 66 -8.90 -10.62 0.80
CA LEU A 66 -8.31 -9.97 -0.38
C LEU A 66 -9.43 -9.38 -1.25
N VAL A 67 -9.15 -8.26 -1.91
CA VAL A 67 -10.18 -7.47 -2.64
C VAL A 67 -9.57 -6.97 -3.95
N LYS A 68 -10.28 -7.16 -5.06
CA LYS A 68 -10.09 -6.44 -6.36
C LYS A 68 -11.44 -5.83 -6.77
N GLY A 69 -11.59 -4.51 -6.69
CA GLY A 69 -12.89 -3.84 -6.85
C GLY A 69 -13.94 -4.41 -5.90
N ASP A 70 -15.03 -4.97 -6.43
CA ASP A 70 -16.18 -5.49 -5.64
C ASP A 70 -16.05 -7.02 -5.46
N VAL A 71 -14.97 -7.61 -5.96
CA VAL A 71 -14.68 -9.08 -5.87
C VAL A 71 -13.75 -9.33 -4.67
N LYS A 72 -14.04 -10.34 -3.86
CA LYS A 72 -13.28 -10.63 -2.61
C LYS A 72 -12.95 -12.12 -2.54
N VAL A 73 -11.87 -12.44 -1.86
CA VAL A 73 -11.59 -13.81 -1.34
C VAL A 73 -11.40 -13.72 0.18
N ASP A 74 -12.28 -14.32 0.96
CA ASP A 74 -12.28 -14.30 2.45
C ASP A 74 -11.53 -15.51 2.99
N THR A 75 -10.95 -15.36 4.18
CA THR A 75 -10.30 -16.42 5.00
C THR A 75 -9.11 -17.00 4.22
N VAL A 76 -8.21 -16.16 3.74
CA VAL A 76 -6.97 -16.60 3.07
C VAL A 76 -5.89 -17.01 4.10
N GLU A 77 -6.00 -16.65 5.39
CA GLU A 77 -4.85 -16.68 6.32
C GLU A 77 -4.31 -18.12 6.53
N HIS A 78 -5.15 -19.15 6.56
CA HIS A 78 -4.76 -20.49 7.02
C HIS A 78 -4.02 -21.18 5.86
N LEU A 79 -4.55 -21.06 4.65
CA LEU A 79 -3.87 -21.56 3.44
C LEU A 79 -2.55 -20.81 3.23
N LEU A 80 -2.54 -19.50 3.36
CA LEU A 80 -1.27 -18.77 3.18
C LEU A 80 -0.30 -19.19 4.27
N SER A 81 -0.79 -19.53 5.46
CA SER A 81 0.13 -19.95 6.54
C SER A 81 0.79 -21.26 6.09
N ALA A 82 0.04 -22.19 5.47
CA ALA A 82 0.52 -23.50 5.01
C ALA A 82 1.53 -23.29 3.88
N MET A 83 1.24 -22.40 2.93
CA MET A 83 2.16 -22.03 1.83
C MET A 83 3.47 -21.49 2.41
N ALA A 84 3.41 -20.54 3.33
CA ALA A 84 4.60 -20.02 4.02
C ALA A 84 5.36 -21.15 4.71
N GLY A 85 4.63 -22.02 5.41
CA GLY A 85 5.21 -23.08 6.25
C GLY A 85 6.03 -24.06 5.43
N LEU A 86 5.57 -24.42 4.23
CA LEU A 86 6.27 -25.41 3.38
C LEU A 86 7.11 -24.73 2.29
N GLY A 87 7.15 -23.39 2.29
CA GLY A 87 8.03 -22.59 1.42
C GLY A 87 7.58 -22.59 -0.03
N ILE A 88 6.25 -22.57 -0.24
CA ILE A 88 5.67 -22.46 -1.61
C ILE A 88 5.76 -20.99 -2.07
N ASP A 89 6.58 -20.70 -3.08
CA ASP A 89 6.74 -19.31 -3.61
C ASP A 89 5.60 -18.98 -4.57
N ASN A 90 5.24 -19.95 -5.41
CA ASN A 90 4.49 -19.70 -6.65
C ASN A 90 3.36 -20.72 -6.74
N ALA A 91 2.11 -20.26 -6.78
CA ALA A 91 0.93 -21.13 -7.00
C ALA A 91 -0.29 -20.29 -7.34
N TYR A 92 -1.21 -20.90 -8.10
CA TYR A 92 -2.58 -20.42 -8.33
C TYR A 92 -3.48 -21.16 -7.37
N VAL A 93 -4.34 -20.41 -6.69
CA VAL A 93 -5.40 -20.97 -5.84
C VAL A 93 -6.73 -20.63 -6.50
N GLU A 94 -7.37 -21.61 -7.14
CA GLU A 94 -8.70 -21.41 -7.75
C GLU A 94 -9.80 -21.78 -6.75
N LEU A 95 -10.81 -20.92 -6.64
CA LEU A 95 -12.00 -21.09 -5.78
C LEU A 95 -13.25 -20.95 -6.65
N SER A 96 -14.30 -21.68 -6.26
CA SER A 96 -15.68 -21.61 -6.82
C SER A 96 -16.52 -20.56 -6.08
N ALA A 97 -15.97 -19.89 -5.07
CA ALA A 97 -16.72 -18.90 -4.29
C ALA A 97 -15.78 -17.96 -3.53
N SER A 98 -16.37 -17.01 -2.81
CA SER A 98 -15.65 -15.86 -2.21
C SER A 98 -14.92 -16.26 -0.92
N GLU A 99 -14.95 -17.54 -0.53
CA GLU A 99 -14.29 -18.02 0.70
C GLU A 99 -13.40 -19.22 0.38
N VAL A 100 -12.19 -19.21 0.93
CA VAL A 100 -11.36 -20.43 1.08
C VAL A 100 -12.14 -21.37 2.00
N PRO A 101 -12.28 -22.67 1.66
CA PRO A 101 -12.92 -23.61 2.57
C PRO A 101 -12.27 -23.59 3.95
N ILE A 102 -13.08 -23.63 5.01
CA ILE A 102 -12.60 -23.48 6.40
C ILE A 102 -11.91 -24.78 6.88
N MET A 103 -12.21 -25.95 6.28
CA MET A 103 -11.64 -27.27 6.65
C MET A 103 -11.81 -27.48 8.18
N ASP A 104 -10.77 -27.83 8.93
CA ASP A 104 -10.83 -28.05 10.39
C ASP A 104 -10.47 -26.77 11.14
N GLY A 105 -10.38 -25.63 10.47
CA GLY A 105 -10.12 -24.32 11.13
C GLY A 105 -8.64 -24.09 11.43
N SER A 106 -7.77 -24.97 10.97
CA SER A 106 -6.29 -24.83 11.07
C SER A 106 -5.64 -24.89 9.69
N ALA A 107 -4.32 -24.98 9.65
CA ALA A 107 -3.54 -25.11 8.39
C ALA A 107 -3.24 -26.57 8.09
N GLY A 108 -3.58 -27.50 8.99
CA GLY A 108 -3.27 -28.93 8.86
C GLY A 108 -3.71 -29.50 7.52
N PRO A 109 -5.00 -29.36 7.15
CA PRO A 109 -5.51 -29.94 5.92
C PRO A 109 -4.78 -29.39 4.69
N PHE A 110 -4.42 -28.12 4.75
CA PHE A 110 -3.67 -27.43 3.67
C PHE A 110 -2.25 -27.96 3.63
N VAL A 111 -1.61 -28.18 4.78
CA VAL A 111 -0.25 -28.79 4.82
C VAL A 111 -0.33 -30.17 4.13
N PHE A 112 -1.36 -30.95 4.44
CA PHE A 112 -1.50 -32.31 3.90
C PHE A 112 -1.64 -32.20 2.38
N LEU A 113 -2.44 -31.23 1.90
CA LEU A 113 -2.69 -31.04 0.44
C LEU A 113 -1.38 -30.66 -0.28
N ILE A 114 -0.63 -29.69 0.26
CA ILE A 114 0.60 -29.19 -0.40
C ILE A 114 1.65 -30.31 -0.38
N GLN A 115 1.84 -30.95 0.76
CA GLN A 115 2.76 -32.11 0.91
C GLN A 115 2.43 -33.16 -0.16
N SER A 116 1.15 -33.48 -0.29
CA SER A 116 0.67 -34.58 -1.16
C SER A 116 0.89 -34.19 -2.62
N ALA A 117 0.60 -32.94 -3.01
CA ALA A 117 0.89 -32.45 -4.38
C ALA A 117 2.40 -32.53 -4.65
N GLY A 118 3.24 -32.33 -3.63
CA GLY A 118 4.72 -32.39 -3.75
C GLY A 118 5.33 -31.03 -4.08
N LEU A 119 6.59 -30.85 -3.73
CA LEU A 119 7.29 -29.55 -3.88
C LEU A 119 8.18 -29.64 -5.13
N GLN A 120 8.01 -28.72 -6.09
CA GLN A 120 8.79 -28.60 -7.34
C GLN A 120 9.75 -27.41 -7.22
N GLU A 121 11.06 -27.65 -7.14
CA GLU A 121 12.08 -26.59 -7.23
C GLU A 121 12.11 -26.05 -8.66
N GLN A 122 12.17 -24.71 -8.79
CA GLN A 122 12.17 -24.00 -10.09
C GLN A 122 13.54 -23.38 -10.31
N GLU A 123 13.87 -23.13 -11.57
CA GLU A 123 15.19 -22.60 -12.00
C GLU A 123 15.18 -21.07 -11.86
N ALA A 124 15.08 -20.58 -10.62
CA ALA A 124 15.15 -19.15 -10.25
C ALA A 124 15.46 -19.02 -8.75
N ALA A 125 16.28 -18.05 -8.37
CA ALA A 125 16.65 -17.78 -6.98
C ALA A 125 15.38 -17.41 -6.17
N LYS A 126 15.17 -18.09 -5.05
CA LYS A 126 14.18 -17.72 -4.03
C LYS A 126 14.58 -16.38 -3.42
N LYS A 127 13.66 -15.41 -3.43
CA LYS A 127 13.89 -14.07 -2.82
C LYS A 127 13.33 -14.08 -1.40
N PHE A 128 14.12 -13.57 -0.45
CA PHE A 128 13.78 -13.38 0.96
C PHE A 128 13.80 -11.89 1.23
N ILE A 129 12.93 -11.41 2.11
CA ILE A 129 12.98 -10.03 2.63
C ILE A 129 13.56 -10.05 4.04
N ARG A 130 14.71 -9.36 4.21
CA ARG A 130 15.48 -9.24 5.47
C ARG A 130 15.09 -7.92 6.12
N ILE A 131 14.50 -7.98 7.30
CA ILE A 131 14.24 -6.76 8.11
C ILE A 131 15.59 -6.12 8.48
N LYS A 132 15.73 -4.81 8.25
CA LYS A 132 17.00 -4.07 8.43
C LYS A 132 16.86 -3.07 9.57
N ARG A 133 15.66 -2.58 9.81
CA ARG A 133 15.41 -1.60 10.89
C ARG A 133 14.08 -1.96 11.54
N GLU A 134 14.00 -1.66 12.81
CA GLU A 134 12.79 -1.89 13.64
C GLU A 134 11.64 -1.09 13.03
N VAL A 135 10.49 -1.71 12.92
CA VAL A 135 9.26 -1.03 12.43
C VAL A 135 8.18 -1.44 13.42
N SER A 136 7.50 -0.50 14.02
CA SER A 136 6.42 -0.85 14.97
C SER A 136 5.18 -0.04 14.61
N VAL A 137 4.03 -0.61 14.94
CA VAL A 137 2.75 0.14 14.89
C VAL A 137 2.06 -0.12 16.22
N GLU A 138 1.26 0.83 16.64
CA GLU A 138 0.50 0.76 17.91
C GLU A 138 -0.93 1.14 17.54
N GLU A 139 -1.89 0.51 18.21
CA GLU A 139 -3.32 0.87 18.13
C GLU A 139 -3.94 0.63 19.51
N GLY A 140 -4.17 1.70 20.24
CA GLY A 140 -4.48 1.60 21.67
C GLY A 140 -3.28 1.06 22.42
N ASP A 141 -3.45 -0.04 23.13
CA ASP A 141 -2.31 -0.74 23.79
C ASP A 141 -2.02 -2.03 23.00
N LYS A 142 -2.52 -2.17 21.78
CA LYS A 142 -2.06 -3.27 20.90
C LYS A 142 -0.76 -2.84 20.22
N ARG A 143 0.15 -3.77 20.02
CA ARG A 143 1.39 -3.44 19.32
C ARG A 143 1.76 -4.60 18.42
N ALA A 144 2.41 -4.26 17.31
CA ALA A 144 3.05 -5.23 16.41
C ALA A 144 4.36 -4.60 16.01
N VAL A 145 5.42 -5.38 15.96
CA VAL A 145 6.76 -4.84 15.62
C VAL A 145 7.51 -5.90 14.81
N PHE A 146 8.29 -5.45 13.82
CA PHE A 146 9.41 -6.21 13.24
C PHE A 146 10.73 -5.69 13.79
N VAL A 147 11.66 -6.60 14.09
CA VAL A 147 13.08 -6.23 14.38
C VAL A 147 14.00 -7.13 13.56
N PRO A 148 15.22 -6.64 13.25
CA PRO A 148 16.25 -7.48 12.65
C PRO A 148 16.51 -8.70 13.55
N PHE A 149 16.62 -9.85 12.90
CA PHE A 149 16.94 -11.15 13.54
C PHE A 149 17.35 -12.14 12.44
N ASP A 150 18.40 -12.91 12.69
CA ASP A 150 18.92 -13.81 11.63
C ASP A 150 18.14 -15.13 11.75
N GLY A 151 16.99 -15.20 11.08
CA GLY A 151 16.03 -16.31 11.17
C GLY A 151 14.62 -15.80 10.91
N PHE A 152 13.62 -16.56 11.30
CA PHE A 152 12.21 -16.13 11.33
C PHE A 152 11.67 -16.45 12.71
N LYS A 153 11.52 -15.44 13.55
CA LYS A 153 10.92 -15.64 14.89
C LYS A 153 9.57 -14.92 14.95
N VAL A 154 8.53 -15.63 15.36
CA VAL A 154 7.15 -15.11 15.54
C VAL A 154 6.75 -15.31 17.00
N SER A 155 6.58 -14.21 17.74
CA SER A 155 6.22 -14.17 19.17
C SER A 155 4.89 -13.47 19.29
N PHE A 156 4.11 -13.86 20.29
CA PHE A 156 2.73 -13.37 20.41
C PHE A 156 2.32 -13.46 21.87
N GLU A 157 1.66 -12.42 22.34
CA GLU A 157 0.99 -12.36 23.66
C GLU A 157 -0.41 -11.86 23.43
N ILE A 158 -1.37 -12.49 24.07
CA ILE A 158 -2.78 -12.04 24.09
C ILE A 158 -3.19 -11.94 25.55
N ASP A 159 -4.16 -11.08 25.81
CA ASP A 159 -4.69 -10.78 27.17
C ASP A 159 -6.18 -10.47 27.03
N PHE A 160 -7.04 -11.31 27.59
CA PHE A 160 -8.51 -11.17 27.53
C PHE A 160 -9.13 -11.39 28.90
N ASP A 161 -10.31 -10.80 29.12
CA ASP A 161 -11.09 -10.89 30.39
C ASP A 161 -11.72 -12.28 30.53
N HIS A 162 -12.08 -12.91 29.41
CA HIS A 162 -12.97 -14.09 29.45
C HIS A 162 -12.39 -15.09 30.43
N PRO A 163 -13.21 -15.68 31.31
CA PRO A 163 -12.74 -16.68 32.28
C PRO A 163 -12.02 -17.88 31.65
N VAL A 164 -12.20 -18.17 30.36
CA VAL A 164 -11.47 -19.33 29.75
C VAL A 164 -9.95 -19.14 29.96
N PHE A 165 -9.46 -17.90 30.05
CA PHE A 165 -8.02 -17.56 30.08
C PHE A 165 -7.46 -17.62 31.51
N ARG A 166 -8.32 -17.90 32.52
CA ARG A 166 -7.94 -18.17 33.94
C ARG A 166 -7.21 -16.98 34.56
N GLY A 167 -7.56 -15.75 34.18
CA GLY A 167 -7.02 -14.49 34.73
C GLY A 167 -5.61 -14.16 34.25
N ARG A 168 -5.04 -14.93 33.30
CA ARG A 168 -3.63 -14.71 32.89
C ARG A 168 -3.54 -14.46 31.37
N THR A 169 -2.39 -13.99 30.90
CA THR A 169 -2.08 -13.84 29.46
C THR A 169 -1.65 -15.20 28.93
N GLN A 170 -1.69 -15.36 27.61
CA GLN A 170 -1.08 -16.49 26.88
C GLN A 170 0.06 -15.94 26.02
N GLN A 171 1.23 -16.53 26.15
CA GLN A 171 2.43 -16.12 25.41
C GLN A 171 2.98 -17.36 24.71
N ALA A 172 3.47 -17.20 23.48
CA ALA A 172 4.19 -18.28 22.77
C ALA A 172 5.08 -17.61 21.75
N SER A 173 6.17 -18.30 21.42
CA SER A 173 7.13 -17.91 20.37
C SER A 173 7.53 -19.14 19.57
N VAL A 174 7.57 -19.02 18.25
CA VAL A 174 8.07 -20.09 17.34
C VAL A 174 9.31 -19.54 16.63
N ASP A 175 10.40 -20.29 16.71
CA ASP A 175 11.60 -20.19 15.86
C ASP A 175 11.27 -21.03 14.63
N PHE A 176 10.92 -20.35 13.55
CA PHE A 176 10.25 -20.94 12.37
C PHE A 176 11.23 -21.75 11.53
N SER A 177 10.77 -22.96 11.21
CA SER A 177 11.24 -23.85 10.14
C SER A 177 9.99 -24.57 9.61
N SER A 178 10.07 -25.29 8.49
CA SER A 178 8.91 -26.12 8.08
C SER A 178 8.55 -27.06 9.23
N THR A 179 9.56 -27.69 9.85
CA THR A 179 9.35 -28.74 10.89
C THR A 179 8.60 -28.17 12.09
N SER A 180 9.07 -27.05 12.64
CA SER A 180 8.48 -26.44 13.85
C SER A 180 7.10 -25.88 13.48
N PHE A 181 6.90 -25.38 12.26
CA PHE A 181 5.58 -24.86 11.84
C PHE A 181 4.54 -26.01 11.88
N VAL A 182 4.86 -27.12 11.21
CA VAL A 182 3.96 -28.31 11.10
C VAL A 182 3.66 -28.82 12.51
N LYS A 183 4.66 -28.92 13.38
CA LYS A 183 4.56 -29.57 14.70
C LYS A 183 3.94 -28.60 15.71
N GLU A 184 4.33 -27.34 15.75
CA GLU A 184 4.06 -26.47 16.92
C GLU A 184 2.80 -25.66 16.68
N VAL A 185 2.45 -25.38 15.43
CA VAL A 185 1.42 -24.34 15.15
C VAL A 185 0.37 -24.79 14.13
N SER A 186 0.69 -25.66 13.18
CA SER A 186 -0.14 -25.89 11.96
C SER A 186 -1.56 -26.39 12.27
N ARG A 187 -1.77 -27.16 13.32
CA ARG A 187 -3.10 -27.76 13.63
C ARG A 187 -3.86 -26.94 14.69
N ALA A 188 -3.37 -25.78 15.08
CA ALA A 188 -3.97 -24.96 16.17
C ALA A 188 -5.28 -24.34 15.69
N ARG A 189 -6.33 -24.60 16.43
CA ARG A 189 -7.69 -24.07 16.17
C ARG A 189 -7.86 -22.85 17.05
N THR A 190 -8.76 -21.94 16.65
CA THR A 190 -9.06 -20.75 17.48
C THR A 190 -10.22 -21.12 18.41
N PHE A 191 -10.53 -20.23 19.34
CA PHE A 191 -11.73 -20.30 20.20
C PHE A 191 -12.91 -19.74 19.44
N GLY A 192 -13.96 -20.55 19.30
CA GLY A 192 -15.32 -20.10 18.98
C GLY A 192 -16.14 -19.89 20.24
N PHE A 193 -16.45 -18.63 20.55
CA PHE A 193 -17.27 -18.27 21.73
C PHE A 193 -18.75 -18.44 21.38
N MET A 194 -19.42 -19.31 22.12
CA MET A 194 -20.85 -19.65 21.86
C MET A 194 -21.71 -18.40 21.68
N ARG A 195 -21.56 -17.43 22.58
CA ARG A 195 -22.33 -16.15 22.56
C ARG A 195 -22.13 -15.48 21.19
N ASP A 196 -20.89 -15.36 20.71
CA ASP A 196 -20.57 -14.74 19.40
C ASP A 196 -21.18 -15.61 18.28
N ILE A 197 -21.00 -16.94 18.33
CA ILE A 197 -21.40 -17.80 17.19
C ILE A 197 -22.92 -17.73 17.09
N GLU A 198 -23.62 -17.81 18.22
CA GLU A 198 -25.11 -17.72 18.24
C GLU A 198 -25.52 -16.40 17.59
N TYR A 199 -24.88 -15.30 17.98
CA TYR A 199 -25.18 -13.97 17.39
C TYR A 199 -24.97 -13.99 15.86
N LEU A 200 -23.85 -14.51 15.38
CA LEU A 200 -23.58 -14.56 13.92
C LEU A 200 -24.63 -15.44 13.22
N ARG A 201 -25.03 -16.56 13.84
CA ARG A 201 -25.99 -17.54 13.27
C ARG A 201 -27.38 -16.89 13.13
N SER A 202 -27.72 -15.92 13.97
CA SER A 202 -29.06 -15.24 13.94
C SER A 202 -29.10 -14.33 12.71
N GLN A 203 -27.91 -13.97 12.20
CA GLN A 203 -27.74 -13.12 11.01
C GLN A 203 -27.47 -13.97 9.77
N ASN A 204 -27.73 -15.28 9.84
CA ASN A 204 -27.43 -16.24 8.75
C ASN A 204 -25.95 -16.11 8.36
N LEU A 205 -25.05 -15.83 9.32
CA LEU A 205 -23.57 -15.86 9.14
C LEU A 205 -22.96 -17.01 9.96
N ALA A 206 -21.68 -17.31 9.75
CA ALA A 206 -20.93 -18.42 10.39
C ALA A 206 -21.71 -19.73 10.32
N LEU A 207 -22.35 -19.98 9.18
CA LEU A 207 -23.19 -21.19 8.96
C LEU A 207 -22.28 -22.41 8.93
N GLY A 208 -21.01 -22.24 8.55
CA GLY A 208 -20.04 -23.34 8.43
C GLY A 208 -19.28 -23.53 9.71
N GLY A 209 -19.41 -22.58 10.63
CA GLY A 209 -18.74 -22.61 11.93
C GLY A 209 -19.38 -23.63 12.86
N SER A 210 -18.55 -24.41 13.53
CA SER A 210 -18.99 -25.48 14.47
C SER A 210 -17.80 -26.03 15.23
N VAL A 211 -18.06 -27.00 16.11
CA VAL A 211 -17.02 -27.75 16.86
C VAL A 211 -16.05 -28.40 15.87
N GLU A 212 -16.41 -28.57 14.59
CA GLU A 212 -15.52 -29.24 13.60
C GLU A 212 -14.35 -28.30 13.20
N ASN A 213 -14.46 -26.99 13.43
CA ASN A 213 -13.46 -26.01 12.93
C ASN A 213 -13.08 -24.96 14.00
N ALA A 214 -13.60 -25.05 15.22
CA ALA A 214 -13.22 -24.19 16.37
C ALA A 214 -13.34 -24.99 17.65
N ILE A 215 -12.58 -24.59 18.68
CA ILE A 215 -12.76 -25.02 20.08
C ILE A 215 -13.87 -24.16 20.65
N VAL A 216 -15.02 -24.74 20.97
CA VAL A 216 -16.18 -23.95 21.43
C VAL A 216 -16.10 -23.74 22.94
N VAL A 217 -16.27 -22.49 23.33
CA VAL A 217 -16.13 -22.01 24.73
C VAL A 217 -17.45 -21.41 25.19
N ASP A 218 -17.89 -21.69 26.40
CA ASP A 218 -19.15 -21.12 26.94
C ASP A 218 -18.83 -19.84 27.72
N GLU A 219 -19.60 -19.49 28.73
CA GLU A 219 -19.32 -18.25 29.49
C GLU A 219 -18.03 -18.39 30.31
N ASN A 220 -17.62 -19.62 30.62
CA ASN A 220 -16.45 -19.81 31.51
C ASN A 220 -15.36 -20.73 30.97
N ARG A 221 -15.58 -21.58 29.96
CA ARG A 221 -14.56 -22.64 29.70
C ARG A 221 -14.75 -23.33 28.34
N VAL A 222 -13.66 -23.95 27.85
CA VAL A 222 -13.66 -24.98 26.76
C VAL A 222 -14.70 -26.03 27.16
N LEU A 223 -15.74 -26.22 26.35
CA LEU A 223 -16.77 -27.26 26.65
C LEU A 223 -16.14 -28.66 26.59
N ASN A 224 -15.33 -28.93 25.57
CA ASN A 224 -14.70 -30.26 25.39
C ASN A 224 -13.19 -30.13 25.30
N GLU A 225 -12.51 -30.30 26.43
CA GLU A 225 -11.02 -30.23 26.49
C GLU A 225 -10.46 -31.31 25.56
N ASP A 226 -11.22 -32.37 25.34
CA ASP A 226 -10.96 -33.47 24.38
C ASP A 226 -10.50 -32.94 23.03
N GLY A 227 -11.09 -31.85 22.55
CA GLY A 227 -10.85 -31.26 21.21
C GLY A 227 -9.58 -30.43 21.15
N LEU A 228 -8.94 -30.14 22.28
CA LEU A 228 -7.66 -29.37 22.33
C LEU A 228 -6.54 -30.19 21.70
N ARG A 229 -5.66 -29.55 20.93
CA ARG A 229 -4.49 -30.19 20.30
C ARG A 229 -3.19 -29.71 20.97
N TYR A 230 -3.18 -28.53 21.56
CA TYR A 230 -1.95 -27.97 22.19
C TYR A 230 -2.34 -27.25 23.47
N GLU A 231 -1.35 -27.02 24.33
CA GLU A 231 -1.41 -25.99 25.39
C GLU A 231 -1.33 -24.60 24.74
N ASP A 232 -1.98 -23.62 25.37
CA ASP A 232 -2.03 -22.22 24.87
C ASP A 232 -2.40 -22.26 23.38
N GLU A 233 -3.40 -23.07 23.01
CA GLU A 233 -3.74 -23.31 21.58
C GLU A 233 -4.21 -21.98 20.95
N PHE A 234 -4.92 -21.14 21.70
CA PHE A 234 -5.43 -19.86 21.18
C PHE A 234 -4.26 -19.01 20.68
N VAL A 235 -3.23 -18.79 21.51
CA VAL A 235 -2.08 -17.94 21.07
C VAL A 235 -1.30 -18.67 19.95
N LYS A 236 -1.26 -19.99 19.91
CA LYS A 236 -0.56 -20.74 18.84
C LYS A 236 -1.32 -20.54 17.52
N HIS A 237 -2.64 -20.49 17.56
CA HIS A 237 -3.46 -20.06 16.41
C HIS A 237 -3.16 -18.61 15.98
N LYS A 238 -2.99 -17.66 16.92
CA LYS A 238 -2.56 -16.28 16.59
C LYS A 238 -1.25 -16.30 15.80
N ILE A 239 -0.33 -17.21 16.11
CA ILE A 239 0.97 -17.34 15.39
C ILE A 239 0.70 -17.89 14.00
N LEU A 240 -0.14 -18.90 13.92
CA LEU A 240 -0.56 -19.47 12.61
C LEU A 240 -1.07 -18.31 11.75
N ASP A 241 -2.06 -17.54 12.23
CA ASP A 241 -2.66 -16.40 11.51
C ASP A 241 -1.57 -15.44 11.06
N ALA A 242 -0.67 -15.07 11.97
CA ALA A 242 0.38 -14.06 11.68
C ALA A 242 1.24 -14.56 10.52
N ILE A 243 1.66 -15.81 10.55
CA ILE A 243 2.60 -16.35 9.53
C ILE A 243 1.88 -16.19 8.19
N GLY A 244 0.58 -16.46 8.14
CA GLY A 244 -0.23 -16.36 6.91
C GLY A 244 -0.33 -14.92 6.46
N ASP A 245 -0.65 -14.01 7.38
CA ASP A 245 -0.72 -12.55 7.11
C ASP A 245 0.65 -12.05 6.65
N LEU A 246 1.73 -12.41 7.34
CA LEU A 246 3.10 -11.91 7.00
C LEU A 246 3.46 -12.39 5.59
N TYR A 247 2.91 -13.52 5.13
CA TYR A 247 3.22 -14.04 3.77
C TYR A 247 2.61 -13.16 2.68
N LEU A 248 1.67 -12.25 2.99
CA LEU A 248 1.18 -11.22 2.03
C LEU A 248 2.32 -10.27 1.65
N LEU A 249 3.47 -10.38 2.30
CA LEU A 249 4.71 -9.73 1.81
C LEU A 249 5.08 -10.28 0.43
N GLY A 250 4.73 -11.53 0.11
CA GLY A 250 5.04 -12.11 -1.22
C GLY A 250 6.35 -12.87 -1.18
N ASN A 251 7.06 -12.83 -0.06
CA ASN A 251 8.31 -13.61 0.11
C ASN A 251 8.49 -14.01 1.57
N SER A 252 9.35 -15.01 1.76
CA SER A 252 9.80 -15.49 3.08
C SER A 252 10.54 -14.34 3.78
N LEU A 253 10.29 -14.18 5.07
CA LEU A 253 10.75 -13.04 5.89
C LEU A 253 11.94 -13.53 6.72
N ILE A 254 12.98 -12.71 6.82
CA ILE A 254 14.12 -12.90 7.76
C ILE A 254 14.10 -11.73 8.76
N GLY A 255 13.65 -12.02 9.97
CA GLY A 255 13.56 -11.08 11.10
C GLY A 255 12.62 -11.63 12.16
N GLU A 256 12.26 -10.79 13.13
CA GLU A 256 11.44 -11.16 14.31
C GLU A 256 10.15 -10.33 14.27
N PHE A 257 9.02 -10.98 14.48
CA PHE A 257 7.69 -10.36 14.63
C PHE A 257 7.30 -10.59 16.09
N ARG A 258 6.94 -9.53 16.83
CA ARG A 258 6.33 -9.67 18.17
C ARG A 258 4.97 -9.00 18.09
N GLY A 259 3.91 -9.74 18.43
CA GLY A 259 2.54 -9.20 18.51
C GLY A 259 2.06 -9.14 19.94
N PHE A 260 1.54 -7.99 20.35
CA PHE A 260 0.89 -7.83 21.66
C PHE A 260 -0.56 -7.44 21.41
N LYS A 261 -1.46 -8.42 21.58
CA LYS A 261 -2.93 -8.31 21.37
C LYS A 261 -3.23 -7.94 19.92
N SER A 262 -2.34 -8.27 18.98
CA SER A 262 -2.57 -7.96 17.56
C SER A 262 -3.48 -9.03 16.94
N GLY A 263 -3.68 -8.91 15.63
CA GLY A 263 -4.69 -9.62 14.85
C GLY A 263 -4.53 -9.22 13.42
N HIS A 264 -5.45 -9.64 12.58
CA HIS A 264 -5.32 -9.44 11.12
C HIS A 264 -5.19 -7.94 10.79
N ALA A 265 -5.97 -7.07 11.44
CA ALA A 265 -6.00 -5.63 11.10
C ALA A 265 -4.61 -5.06 11.38
N LEU A 266 -4.09 -5.28 12.59
CA LEU A 266 -2.83 -4.62 13.00
C LEU A 266 -1.64 -5.28 12.30
N ASN A 267 -1.65 -6.61 12.17
CA ASN A 267 -0.66 -7.32 11.31
C ASN A 267 -0.59 -6.63 9.95
N ASN A 268 -1.75 -6.35 9.31
CA ASN A 268 -1.78 -5.75 7.95
C ASN A 268 -1.25 -4.32 8.05
N GLN A 269 -1.54 -3.58 9.13
CA GLN A 269 -1.01 -2.20 9.28
C GLN A 269 0.53 -2.26 9.36
N LEU A 270 1.05 -3.19 10.17
CA LEU A 270 2.51 -3.36 10.33
C LEU A 270 3.12 -3.68 8.97
N LEU A 271 2.52 -4.64 8.25
CA LEU A 271 3.03 -5.08 6.93
C LEU A 271 3.16 -3.90 5.97
N ARG A 272 2.08 -3.15 5.85
CA ARG A 272 2.02 -2.02 4.91
C ARG A 272 3.00 -0.94 5.39
N THR A 273 3.12 -0.74 6.71
CA THR A 273 4.10 0.24 7.27
C THR A 273 5.52 -0.19 6.89
N LEU A 274 5.85 -1.48 7.03
CA LEU A 274 7.19 -2.00 6.66
C LEU A 274 7.40 -1.78 5.16
N ILE A 275 6.45 -2.19 4.32
CA ILE A 275 6.63 -2.12 2.85
C ILE A 275 6.95 -0.67 2.48
N ALA A 276 6.22 0.30 3.04
CA ALA A 276 6.33 1.74 2.70
C ALA A 276 7.67 2.31 3.17
N ASP A 277 8.35 1.61 4.10
CA ASP A 277 9.61 2.06 4.76
C ASP A 277 10.79 1.36 4.07
N LYS A 278 11.24 1.95 2.98
CA LYS A 278 12.10 1.26 1.97
C LYS A 278 13.47 0.95 2.56
N ASP A 279 13.97 1.75 3.49
CA ASP A 279 15.32 1.47 4.04
C ASP A 279 15.22 0.46 5.20
N ALA A 280 14.02 0.01 5.58
CA ALA A 280 13.86 -0.87 6.76
C ALA A 280 13.92 -2.35 6.33
N TRP A 281 14.03 -2.63 5.03
CA TRP A 281 14.11 -4.02 4.51
C TRP A 281 14.88 -4.06 3.20
N GLU A 282 15.41 -5.24 2.85
CA GLU A 282 16.06 -5.50 1.53
C GLU A 282 15.68 -6.90 1.06
N VAL A 283 15.66 -7.10 -0.26
CA VAL A 283 15.54 -8.44 -0.90
C VAL A 283 16.93 -9.06 -0.98
N VAL A 284 17.06 -10.30 -0.54
CA VAL A 284 18.33 -11.07 -0.63
C VAL A 284 18.02 -12.40 -1.29
N THR A 285 19.03 -12.97 -1.93
CA THR A 285 19.04 -14.37 -2.46
C THR A 285 20.30 -15.04 -1.92
N PHE A 286 20.35 -16.37 -1.91
CA PHE A 286 21.46 -17.16 -1.32
C PHE A 286 22.01 -18.12 -2.38
N GLU A 287 23.26 -17.95 -2.80
CA GLU A 287 23.92 -18.85 -3.79
C GLU A 287 24.38 -20.13 -3.07
N ASP A 288 24.91 -20.05 -1.84
CA ASP A 288 25.23 -21.25 -1.00
C ASP A 288 24.11 -21.49 0.03
N ALA A 289 23.25 -22.48 -0.23
CA ALA A 289 22.14 -22.93 0.65
C ALA A 289 22.56 -22.93 2.12
N ARG A 290 23.71 -23.54 2.40
CA ARG A 290 24.21 -23.86 3.76
C ARG A 290 24.44 -22.61 4.61
N THR A 291 24.25 -21.38 4.09
CA THR A 291 24.40 -20.11 4.88
C THR A 291 23.05 -19.36 5.00
N ALA A 292 21.96 -19.94 4.48
CA ALA A 292 20.59 -19.38 4.62
C ALA A 292 20.06 -19.68 6.02
N PRO A 293 19.35 -18.73 6.66
CA PRO A 293 18.93 -18.91 8.05
C PRO A 293 17.80 -19.94 8.24
N ILE A 294 16.91 -20.11 7.24
CA ILE A 294 15.62 -20.84 7.46
C ILE A 294 15.62 -22.25 6.86
N SER A 295 15.32 -23.25 7.68
CA SER A 295 15.14 -24.65 7.23
C SER A 295 13.71 -24.84 6.70
N TYR A 296 13.62 -25.37 5.49
CA TYR A 296 12.36 -25.73 4.80
C TYR A 296 12.36 -27.22 4.50
N MET A 297 11.14 -27.76 4.47
CA MET A 297 10.82 -29.15 4.10
C MET A 297 11.64 -29.51 2.86
N ARG A 298 12.38 -30.62 2.86
CA ARG A 298 13.14 -31.00 1.64
C ARG A 298 12.12 -31.45 0.60
N PRO A 299 12.32 -31.10 -0.69
CA PRO A 299 11.48 -31.61 -1.76
C PRO A 299 11.63 -33.14 -1.93
N MET B 1 -24.92 19.66 -2.03
CA MET B 1 -23.77 18.76 -1.91
C MET B 1 -22.61 19.37 -2.71
N ILE B 2 -21.40 19.29 -2.17
CA ILE B 2 -20.16 19.57 -2.98
C ILE B 2 -20.06 18.44 -4.00
N LYS B 3 -20.08 18.76 -5.28
CA LYS B 3 -20.10 17.73 -6.35
C LYS B 3 -18.67 17.48 -6.82
N GLN B 4 -18.43 16.32 -7.42
CA GLN B 4 -17.15 16.03 -8.15
C GLN B 4 -17.01 16.98 -9.35
N ARG B 5 -15.77 17.24 -9.78
CA ARG B 5 -15.50 18.01 -11.01
C ARG B 5 -14.60 17.25 -11.99
N THR B 6 -14.90 17.46 -13.27
CA THR B 6 -14.07 17.02 -14.41
C THR B 6 -13.82 18.26 -15.29
N LEU B 7 -13.18 18.07 -16.42
CA LEU B 7 -12.90 19.12 -17.43
C LEU B 7 -14.13 19.27 -18.33
N LYS B 8 -14.40 20.48 -18.84
CA LYS B 8 -15.54 20.75 -19.75
C LYS B 8 -15.17 20.37 -21.19
N ASN B 9 -13.87 20.45 -21.51
CA ASN B 9 -13.35 20.31 -22.89
C ASN B 9 -12.06 19.50 -22.89
N ILE B 10 -11.88 18.72 -23.94
CA ILE B 10 -10.59 18.08 -24.27
C ILE B 10 -9.61 19.21 -24.55
N ILE B 11 -8.38 19.06 -24.08
CA ILE B 11 -7.36 20.14 -24.23
C ILE B 11 -6.03 19.45 -24.53
N ARG B 12 -5.23 20.06 -25.42
CA ARG B 12 -3.97 19.47 -25.93
C ARG B 12 -2.84 20.46 -25.71
N ALA B 13 -1.65 19.96 -25.43
CA ALA B 13 -0.45 20.79 -25.25
C ALA B 13 0.76 19.94 -25.62
N THR B 14 1.82 20.63 -25.97
CA THR B 14 3.12 20.08 -26.37
C THR B 14 4.12 20.64 -25.37
N GLY B 15 5.06 19.85 -24.91
CA GLY B 15 6.27 20.36 -24.23
C GLY B 15 7.39 19.37 -24.42
N VAL B 16 8.43 19.46 -23.60
CA VAL B 16 9.60 18.55 -23.70
C VAL B 16 9.74 17.79 -22.38
N GLY B 17 10.12 16.51 -22.49
CA GLY B 17 10.44 15.66 -21.34
C GLY B 17 11.70 16.16 -20.64
N LEU B 18 11.68 16.25 -19.31
CA LEU B 18 12.82 16.73 -18.50
C LEU B 18 14.08 15.89 -18.81
N HIS B 19 13.94 14.57 -18.90
CA HIS B 19 15.08 13.63 -19.06
C HIS B 19 15.33 13.34 -20.55
N SER B 20 14.28 13.10 -21.33
CA SER B 20 14.35 12.82 -22.79
C SER B 20 14.87 14.04 -23.55
N GLY B 21 14.40 15.24 -23.20
CA GLY B 21 14.58 16.45 -24.01
C GLY B 21 13.79 16.38 -25.31
N GLU B 22 12.92 15.38 -25.49
CA GLU B 22 12.15 15.15 -26.73
C GLU B 22 10.74 15.74 -26.59
N LYS B 23 10.09 16.01 -27.71
CA LYS B 23 8.69 16.51 -27.72
C LYS B 23 7.77 15.45 -27.07
N VAL B 24 6.89 15.87 -26.18
CA VAL B 24 5.81 14.99 -25.62
C VAL B 24 4.47 15.67 -25.91
N TYR B 25 3.50 14.91 -26.40
CA TYR B 25 2.13 15.36 -26.74
C TYR B 25 1.22 14.95 -25.58
N LEU B 26 0.52 15.93 -25.00
CA LEU B 26 -0.29 15.80 -23.76
C LEU B 26 -1.73 16.06 -24.12
N THR B 27 -2.64 15.19 -23.71
CA THR B 27 -4.10 15.44 -23.89
C THR B 27 -4.79 15.26 -22.53
N LEU B 28 -5.46 16.31 -22.05
CA LEU B 28 -6.36 16.21 -20.89
C LEU B 28 -7.76 15.95 -21.43
N LYS B 29 -8.47 15.01 -20.82
CA LYS B 29 -9.85 14.69 -21.22
C LYS B 29 -10.74 14.63 -19.98
N PRO B 30 -12.05 14.91 -20.16
CA PRO B 30 -13.03 14.66 -19.12
C PRO B 30 -13.07 13.16 -18.77
N ALA B 31 -13.45 12.82 -17.53
CA ALA B 31 -13.66 11.42 -17.14
C ALA B 31 -14.90 11.34 -16.28
N PRO B 32 -15.54 10.14 -16.28
CA PRO B 32 -16.72 9.89 -15.45
C PRO B 32 -16.46 10.07 -13.95
N VAL B 33 -17.54 10.12 -13.18
CA VAL B 33 -17.50 10.12 -11.69
C VAL B 33 -16.66 8.92 -11.21
N ASP B 34 -15.89 9.17 -10.16
CA ASP B 34 -15.08 8.19 -9.38
C ASP B 34 -13.97 7.56 -10.25
N THR B 35 -13.52 8.22 -11.31
CA THR B 35 -12.36 7.76 -12.14
C THR B 35 -11.06 8.14 -11.43
N GLY B 36 -11.02 9.30 -10.77
CA GLY B 36 -9.78 9.92 -10.26
C GLY B 36 -8.95 10.42 -11.43
N ILE B 37 -7.66 10.71 -11.21
CA ILE B 37 -6.76 11.18 -12.30
C ILE B 37 -6.06 9.92 -12.83
N VAL B 38 -6.29 9.60 -14.10
CA VAL B 38 -5.68 8.40 -14.74
C VAL B 38 -4.77 8.86 -15.89
N PHE B 39 -3.50 8.49 -15.84
CA PHE B 39 -2.49 8.69 -16.91
C PHE B 39 -2.64 7.54 -17.92
N SER B 40 -2.37 7.82 -19.19
CA SER B 40 -2.63 6.91 -20.33
C SER B 40 -1.51 7.06 -21.36
N ARG B 41 -0.78 5.98 -21.58
CA ARG B 41 0.33 5.93 -22.57
C ARG B 41 -0.28 5.47 -23.90
N THR B 42 -0.70 6.43 -24.74
CA THR B 42 -1.42 6.22 -26.04
C THR B 42 -0.44 5.94 -27.18
N ASP B 43 0.87 6.07 -26.93
CA ASP B 43 1.96 5.63 -27.84
C ASP B 43 2.15 4.10 -27.77
N LEU B 44 1.59 3.41 -26.77
CA LEU B 44 1.75 1.94 -26.65
C LEU B 44 0.48 1.28 -27.21
N ASP B 45 0.63 0.09 -27.76
CA ASP B 45 -0.48 -0.77 -28.26
C ASP B 45 -0.36 -2.14 -27.58
N PRO B 46 -1.29 -2.56 -26.70
CA PRO B 46 -2.43 -1.73 -26.27
C PRO B 46 -2.07 -0.50 -25.40
N VAL B 47 -2.94 0.52 -25.41
CA VAL B 47 -2.83 1.70 -24.52
C VAL B 47 -2.72 1.20 -23.07
N VAL B 48 -1.82 1.76 -22.27
CA VAL B 48 -1.65 1.34 -20.85
C VAL B 48 -2.11 2.49 -19.94
N GLU B 49 -3.02 2.20 -19.01
CA GLU B 49 -3.60 3.19 -18.07
C GLU B 49 -2.96 3.01 -16.70
N ILE B 50 -2.59 4.10 -16.04
CA ILE B 50 -2.08 4.07 -14.65
C ILE B 50 -2.86 5.10 -13.84
N PRO B 51 -3.78 4.67 -12.96
CA PRO B 51 -4.41 5.58 -12.01
C PRO B 51 -3.34 6.27 -11.17
N ALA B 52 -3.48 7.58 -10.98
CA ALA B 52 -2.56 8.37 -10.11
C ALA B 52 -2.88 8.06 -8.65
N ARG B 53 -2.40 6.92 -8.15
CA ARG B 53 -2.64 6.47 -6.77
C ARG B 53 -1.29 6.06 -6.14
N ALA B 54 -1.18 6.21 -4.83
CA ALA B 54 0.03 5.90 -4.04
C ALA B 54 0.49 4.47 -4.31
N GLU B 55 -0.42 3.51 -4.52
CA GLU B 55 -0.11 2.08 -4.75
C GLU B 55 0.69 1.90 -6.07
N ASN B 56 0.70 2.90 -6.96
CA ASN B 56 1.27 2.83 -8.33
C ASN B 56 2.58 3.62 -8.42
N VAL B 57 3.12 4.13 -7.31
CA VAL B 57 4.40 4.91 -7.33
C VAL B 57 5.61 3.97 -7.37
N GLY B 58 6.51 4.16 -8.32
CA GLY B 58 7.80 3.44 -8.43
C GLY B 58 8.82 4.05 -7.48
N GLU B 59 10.10 3.98 -7.81
CA GLU B 59 11.17 4.11 -6.77
C GLU B 59 12.00 5.38 -6.99
N THR B 60 11.63 6.25 -7.93
CA THR B 60 12.43 7.46 -8.24
C THR B 60 12.34 8.39 -7.04
N THR B 61 13.49 8.86 -6.57
CA THR B 61 13.59 9.99 -5.62
C THR B 61 13.89 11.25 -6.44
N MET B 62 13.54 12.40 -5.86
CA MET B 62 13.67 13.77 -6.43
C MET B 62 12.55 14.02 -7.45
N SER B 63 11.77 12.99 -7.81
CA SER B 63 10.52 13.14 -8.60
C SER B 63 9.57 11.97 -8.31
N THR B 64 8.33 12.03 -8.82
CA THR B 64 7.31 11.00 -8.59
C THR B 64 7.01 10.33 -9.93
N THR B 65 7.23 9.02 -9.99
CA THR B 65 6.99 8.16 -11.17
C THR B 65 5.84 7.21 -10.84
N LEU B 66 4.86 7.11 -11.74
CA LEU B 66 3.79 6.08 -11.72
C LEU B 66 4.25 4.87 -12.56
N VAL B 67 3.91 3.65 -12.14
CA VAL B 67 4.45 2.41 -12.79
C VAL B 67 3.33 1.37 -12.89
N LYS B 68 3.16 0.77 -14.06
CA LYS B 68 2.40 -0.48 -14.24
C LYS B 68 3.29 -1.49 -14.99
N GLY B 69 3.69 -2.58 -14.33
CA GLY B 69 4.71 -3.49 -14.89
C GLY B 69 5.96 -2.72 -15.26
N ASP B 70 6.41 -2.78 -16.52
CA ASP B 70 7.61 -2.05 -16.99
C ASP B 70 7.20 -0.77 -17.75
N VAL B 71 5.94 -0.35 -17.67
CA VAL B 71 5.44 0.93 -18.25
C VAL B 71 5.45 1.99 -17.15
N LYS B 72 6.03 3.15 -17.42
CA LYS B 72 6.12 4.24 -16.43
C LYS B 72 5.56 5.52 -17.02
N VAL B 73 5.20 6.43 -16.13
CA VAL B 73 5.01 7.88 -16.42
C VAL B 73 5.82 8.64 -15.36
N ASP B 74 6.89 9.32 -15.77
CA ASP B 74 7.77 10.14 -14.88
C ASP B 74 7.19 11.56 -14.74
N THR B 75 7.59 12.27 -13.68
CA THR B 75 7.38 13.71 -13.39
C THR B 75 5.87 14.01 -13.37
N VAL B 76 5.12 13.30 -12.54
CA VAL B 76 3.65 13.53 -12.45
C VAL B 76 3.35 14.62 -11.41
N GLU B 77 4.30 15.04 -10.59
CA GLU B 77 3.96 15.77 -9.35
C GLU B 77 3.36 17.17 -9.65
N HIS B 78 3.83 17.87 -10.69
CA HIS B 78 3.43 19.27 -10.99
C HIS B 78 2.02 19.31 -11.56
N LEU B 79 1.74 18.45 -12.53
CA LEU B 79 0.39 18.34 -13.12
C LEU B 79 -0.60 17.94 -12.02
N LEU B 80 -0.28 16.92 -11.24
CA LEU B 80 -1.20 16.46 -10.16
C LEU B 80 -1.44 17.60 -9.16
N SER B 81 -0.43 18.44 -8.92
CA SER B 81 -0.53 19.60 -8.01
C SER B 81 -1.57 20.57 -8.55
N ALA B 82 -1.52 20.84 -9.87
CA ALA B 82 -2.49 21.73 -10.56
C ALA B 82 -3.88 21.09 -10.45
N MET B 83 -3.99 19.77 -10.61
CA MET B 83 -5.30 19.08 -10.51
C MET B 83 -5.85 19.26 -9.09
N ALA B 84 -5.00 19.08 -8.09
CA ALA B 84 -5.44 19.20 -6.68
C ALA B 84 -5.81 20.66 -6.39
N GLY B 85 -4.98 21.59 -6.85
CA GLY B 85 -5.15 23.04 -6.65
C GLY B 85 -6.47 23.58 -7.19
N LEU B 86 -6.92 23.07 -8.34
CA LEU B 86 -8.15 23.54 -9.03
C LEU B 86 -9.33 22.60 -8.74
N GLY B 87 -9.12 21.59 -7.88
CA GLY B 87 -10.20 20.68 -7.44
C GLY B 87 -10.71 19.82 -8.58
N ILE B 88 -9.83 19.32 -9.47
CA ILE B 88 -10.27 18.36 -10.53
C ILE B 88 -10.27 16.95 -9.92
N ASP B 89 -11.44 16.32 -9.78
CA ASP B 89 -11.56 14.93 -9.26
C ASP B 89 -11.19 13.90 -10.34
N ASN B 90 -11.72 14.07 -11.55
CA ASN B 90 -11.82 13.02 -12.60
C ASN B 90 -11.26 13.58 -13.90
N ALA B 91 -10.23 12.94 -14.43
CA ALA B 91 -9.65 13.30 -15.73
C ALA B 91 -8.74 12.18 -16.21
N TYR B 92 -8.61 12.12 -17.53
CA TYR B 92 -7.57 11.35 -18.23
C TYR B 92 -6.47 12.30 -18.62
N VAL B 93 -5.25 11.87 -18.43
CA VAL B 93 -4.04 12.55 -18.96
C VAL B 93 -3.40 11.55 -19.93
N GLU B 94 -3.49 11.82 -21.22
CA GLU B 94 -2.85 11.00 -22.27
C GLU B 94 -1.51 11.62 -22.64
N LEU B 95 -0.50 10.77 -22.71
CA LEU B 95 0.89 11.15 -23.02
C LEU B 95 1.38 10.27 -24.18
N SER B 96 2.20 10.85 -25.04
CA SER B 96 2.84 10.18 -26.21
C SER B 96 4.17 9.57 -25.78
N ALA B 97 4.51 9.66 -24.49
CA ALA B 97 5.83 9.24 -23.98
C ALA B 97 5.80 9.04 -22.46
N SER B 98 6.91 8.54 -21.92
CA SER B 98 7.06 8.08 -20.51
C SER B 98 7.31 9.24 -19.54
N GLU B 99 7.04 10.48 -19.96
CA GLU B 99 7.18 11.66 -19.07
C GLU B 99 6.05 12.64 -19.34
N VAL B 100 5.62 13.31 -18.29
CA VAL B 100 4.84 14.57 -18.39
C VAL B 100 5.84 15.61 -18.87
N PRO B 101 5.46 16.45 -19.86
CA PRO B 101 6.32 17.56 -20.28
C PRO B 101 6.66 18.46 -19.09
N ILE B 102 7.91 18.89 -18.98
CA ILE B 102 8.40 19.73 -17.85
C ILE B 102 7.78 21.14 -17.89
N MET B 103 7.37 21.65 -19.05
CA MET B 103 6.89 23.06 -19.23
C MET B 103 7.88 24.03 -18.55
N ASP B 104 7.43 24.97 -17.72
CA ASP B 104 8.36 25.94 -17.06
C ASP B 104 8.88 25.40 -15.73
N GLY B 105 8.65 24.12 -15.42
CA GLY B 105 9.09 23.49 -14.16
C GLY B 105 8.20 23.85 -12.97
N SER B 106 7.05 24.48 -13.21
CA SER B 106 6.03 24.78 -12.17
C SER B 106 4.69 24.16 -12.58
N ALA B 107 3.64 24.42 -11.80
CA ALA B 107 2.26 24.02 -12.08
C ALA B 107 1.55 25.08 -12.95
N GLY B 108 2.13 26.28 -13.08
CA GLY B 108 1.53 27.42 -13.83
C GLY B 108 0.94 26.98 -15.18
N PRO B 109 1.75 26.43 -16.10
CA PRO B 109 1.26 26.03 -17.43
C PRO B 109 0.10 25.04 -17.32
N PHE B 110 0.06 24.16 -16.32
CA PHE B 110 -1.05 23.19 -16.15
C PHE B 110 -2.28 23.90 -15.58
N VAL B 111 -2.09 24.88 -14.71
CA VAL B 111 -3.25 25.68 -14.21
C VAL B 111 -3.89 26.32 -15.44
N PHE B 112 -3.07 26.86 -16.35
CA PHE B 112 -3.59 27.61 -17.51
C PHE B 112 -4.34 26.61 -18.42
N LEU B 113 -3.84 25.38 -18.61
CA LEU B 113 -4.51 24.38 -19.49
C LEU B 113 -5.85 23.92 -18.86
N ILE B 114 -5.89 23.74 -17.53
CA ILE B 114 -7.10 23.24 -16.82
C ILE B 114 -8.17 24.32 -16.77
N GLN B 115 -7.81 25.55 -16.39
CA GLN B 115 -8.74 26.71 -16.40
C GLN B 115 -9.34 26.87 -17.79
N SER B 116 -8.48 26.87 -18.82
CA SER B 116 -8.88 27.06 -20.23
C SER B 116 -9.84 25.93 -20.65
N ALA B 117 -9.58 24.67 -20.24
CA ALA B 117 -10.47 23.52 -20.52
C ALA B 117 -11.83 23.75 -19.84
N GLY B 118 -11.83 24.41 -18.68
CA GLY B 118 -13.06 24.73 -17.93
C GLY B 118 -13.46 23.59 -17.01
N LEU B 119 -14.18 23.93 -15.94
CA LEU B 119 -14.59 23.01 -14.86
C LEU B 119 -16.04 22.55 -15.09
N GLN B 120 -16.24 21.24 -15.20
CA GLN B 120 -17.58 20.62 -15.32
C GLN B 120 -17.96 19.95 -13.99
N GLU B 121 -18.98 20.46 -13.30
CA GLU B 121 -19.57 19.76 -12.12
C GLU B 121 -20.25 18.46 -12.58
N GLN B 122 -20.17 17.42 -11.74
CA GLN B 122 -20.78 16.09 -12.00
C GLN B 122 -21.79 15.78 -10.89
N GLU B 123 -22.74 14.91 -11.21
CA GLU B 123 -23.89 14.54 -10.33
C GLU B 123 -23.46 13.39 -9.40
N ALA B 124 -22.49 13.66 -8.53
CA ALA B 124 -21.95 12.73 -7.50
C ALA B 124 -21.26 13.56 -6.44
N ALA B 125 -21.48 13.19 -5.18
CA ALA B 125 -20.82 13.80 -4.01
C ALA B 125 -19.30 13.68 -4.17
N LYS B 126 -18.61 14.80 -4.00
CA LYS B 126 -17.14 14.85 -3.93
C LYS B 126 -16.72 14.20 -2.62
N LYS B 127 -15.80 13.26 -2.68
CA LYS B 127 -15.27 12.55 -1.49
C LYS B 127 -14.00 13.24 -1.04
N PHE B 128 -13.86 13.41 0.27
CA PHE B 128 -12.66 14.00 0.93
C PHE B 128 -12.10 12.97 1.89
N ILE B 129 -10.78 12.95 2.02
CA ILE B 129 -10.08 12.17 3.07
C ILE B 129 -9.70 13.13 4.22
N ARG B 130 -10.28 12.89 5.39
CA ARG B 130 -10.09 13.73 6.59
C ARG B 130 -9.12 13.00 7.52
N ILE B 131 -8.03 13.66 7.86
CA ILE B 131 -7.06 13.15 8.89
C ILE B 131 -7.74 13.23 10.26
N LYS B 132 -7.79 12.10 10.97
CA LYS B 132 -8.39 11.96 12.32
C LYS B 132 -7.33 11.82 13.41
N ARG B 133 -6.18 11.25 13.10
CA ARG B 133 -5.09 11.08 14.09
C ARG B 133 -3.78 11.44 13.43
N GLU B 134 -2.79 11.80 14.23
CA GLU B 134 -1.47 12.22 13.70
C GLU B 134 -0.77 10.96 13.19
N VAL B 135 -0.13 11.07 12.02
CA VAL B 135 0.66 9.99 11.37
C VAL B 135 1.96 10.66 10.99
N SER B 136 3.09 10.09 11.41
CA SER B 136 4.40 10.68 11.12
C SER B 136 5.34 9.61 10.62
N VAL B 137 6.25 10.01 9.74
CA VAL B 137 7.35 9.16 9.24
C VAL B 137 8.62 10.00 9.36
N GLU B 138 9.74 9.34 9.59
CA GLU B 138 11.06 10.00 9.66
C GLU B 138 12.04 9.18 8.82
N GLU B 139 13.06 9.82 8.27
CA GLU B 139 14.26 9.17 7.72
C GLU B 139 15.42 10.13 7.92
N GLY B 140 16.48 9.72 8.63
CA GLY B 140 17.56 10.62 9.05
C GLY B 140 16.96 11.76 9.83
N ASP B 141 17.32 13.00 9.55
CA ASP B 141 16.59 14.09 10.26
C ASP B 141 15.54 14.66 9.31
N LYS B 142 15.11 13.91 8.29
CA LYS B 142 13.89 14.27 7.52
C LYS B 142 12.65 13.77 8.28
N ARG B 143 11.57 14.51 8.17
CA ARG B 143 10.27 14.17 8.78
C ARG B 143 9.14 14.67 7.90
N ALA B 144 8.06 13.90 7.88
CA ALA B 144 6.80 14.28 7.21
C ALA B 144 5.68 13.83 8.14
N VAL B 145 4.69 14.70 8.31
CA VAL B 145 3.59 14.47 9.29
C VAL B 145 2.27 14.88 8.66
N PHE B 146 1.22 14.16 9.00
CA PHE B 146 -0.20 14.56 8.85
C PHE B 146 -0.75 14.78 10.24
N VAL B 147 -1.44 15.89 10.45
CA VAL B 147 -2.26 16.12 11.67
C VAL B 147 -3.64 16.58 11.23
N PRO B 148 -4.64 16.29 12.09
CA PRO B 148 -5.97 16.83 11.88
C PRO B 148 -5.97 18.36 11.75
N PHE B 149 -6.73 18.87 10.81
CA PHE B 149 -6.87 20.33 10.58
C PHE B 149 -8.15 20.53 9.82
N ASP B 150 -8.96 21.49 10.26
CA ASP B 150 -10.29 21.74 9.65
C ASP B 150 -10.05 22.57 8.39
N GLY B 151 -9.54 21.92 7.35
CA GLY B 151 -9.21 22.56 6.07
C GLY B 151 -8.06 21.85 5.39
N PHE B 152 -7.26 22.59 4.65
CA PHE B 152 -6.10 22.05 3.94
C PHE B 152 -4.95 22.99 4.21
N LYS B 153 -4.00 22.58 5.04
CA LYS B 153 -2.78 23.38 5.31
C LYS B 153 -1.56 22.55 4.91
N VAL B 154 -0.59 23.17 4.26
CA VAL B 154 0.72 22.56 3.93
C VAL B 154 1.83 23.49 4.45
N SER B 155 2.62 22.98 5.38
CA SER B 155 3.79 23.67 5.99
C SER B 155 5.04 22.95 5.55
N PHE B 156 6.14 23.68 5.50
CA PHE B 156 7.44 23.12 5.09
C PHE B 156 8.59 23.94 5.65
N GLU B 157 9.64 23.24 6.06
CA GLU B 157 10.93 23.81 6.50
C GLU B 157 12.04 23.04 5.80
N ILE B 158 12.94 23.75 5.13
CA ILE B 158 14.14 23.18 4.46
C ILE B 158 15.32 23.49 5.38
N ASP B 159 16.48 22.94 5.06
CA ASP B 159 17.66 23.40 5.80
C ASP B 159 18.62 23.89 4.74
N PHE B 160 19.08 25.14 4.87
CA PHE B 160 20.11 25.46 3.86
C PHE B 160 21.47 25.18 4.47
N ASP B 161 21.91 23.93 4.30
CA ASP B 161 23.29 23.59 4.65
C ASP B 161 24.14 24.38 3.66
N HIS B 162 23.74 24.32 2.38
CA HIS B 162 24.35 25.07 1.27
C HIS B 162 24.14 26.57 1.50
N PRO B 163 25.08 27.43 1.14
CA PRO B 163 24.90 28.86 1.34
C PRO B 163 23.79 29.51 0.51
N VAL B 164 23.08 28.78 -0.34
CA VAL B 164 22.04 29.46 -1.19
C VAL B 164 20.79 29.80 -0.36
N PHE B 165 20.10 30.89 -0.77
CA PHE B 165 18.78 31.44 -0.33
C PHE B 165 18.25 30.76 0.94
N THR B 169 18.17 28.81 6.05
CA THR B 169 16.91 28.05 6.27
C THR B 169 15.72 28.90 5.80
N GLN B 170 14.60 28.25 5.57
CA GLN B 170 13.42 28.74 4.78
C GLN B 170 12.22 27.94 5.32
N GLN B 171 11.15 28.64 5.65
CA GLN B 171 9.93 28.05 6.26
C GLN B 171 8.75 28.73 5.57
N ALA B 172 7.72 27.99 5.22
CA ALA B 172 6.49 28.58 4.67
C ALA B 172 5.31 27.71 5.15
N SER B 173 4.14 28.31 5.23
CA SER B 173 2.91 27.58 5.64
C SER B 173 1.74 28.16 4.86
N VAL B 174 1.15 27.36 3.97
CA VAL B 174 0.00 27.79 3.12
C VAL B 174 -1.27 27.15 3.68
N ASP B 175 -2.21 28.00 4.12
CA ASP B 175 -3.62 27.64 4.43
C ASP B 175 -4.42 27.80 3.13
N PHE B 176 -4.69 26.67 2.51
CA PHE B 176 -5.15 26.48 1.10
C PHE B 176 -6.56 26.95 0.73
N SER B 177 -6.65 27.33 -0.55
CA SER B 177 -7.81 27.73 -1.39
C SER B 177 -7.35 27.64 -2.87
N SER B 178 -8.25 27.54 -3.86
CA SER B 178 -7.75 27.58 -5.26
C SER B 178 -7.03 28.92 -5.46
N THR B 179 -7.59 30.00 -4.91
CA THR B 179 -7.08 31.39 -5.01
C THR B 179 -5.62 31.48 -4.58
N SER B 180 -5.35 31.07 -3.33
CA SER B 180 -4.01 31.17 -2.72
C SER B 180 -3.07 30.14 -3.39
N PHE B 181 -3.57 29.00 -3.89
CA PHE B 181 -2.75 28.00 -4.63
C PHE B 181 -2.23 28.59 -5.95
N VAL B 182 -3.15 28.99 -6.84
CA VAL B 182 -2.82 29.63 -8.14
C VAL B 182 -1.86 30.81 -7.84
N LYS B 183 -2.23 31.68 -6.91
CA LYS B 183 -1.52 32.96 -6.60
C LYS B 183 -0.16 32.69 -5.93
N GLU B 184 -0.08 31.84 -4.89
CA GLU B 184 1.10 31.85 -3.99
C GLU B 184 2.01 30.67 -4.26
N VAL B 185 1.57 29.67 -5.01
CA VAL B 185 2.31 28.39 -5.09
C VAL B 185 2.56 27.99 -6.55
N SER B 186 1.56 28.09 -7.42
CA SER B 186 1.49 27.35 -8.71
C SER B 186 2.75 27.64 -9.56
N ARG B 187 3.35 28.83 -9.47
CA ARG B 187 4.44 29.21 -10.41
C ARG B 187 5.84 28.99 -9.80
N ALA B 188 5.96 28.46 -8.58
CA ALA B 188 7.26 28.20 -7.92
C ALA B 188 8.05 27.14 -8.68
N ARG B 189 9.29 27.48 -9.05
CA ARG B 189 10.30 26.57 -9.64
C ARG B 189 11.25 26.07 -8.54
N THR B 190 11.87 24.92 -8.75
CA THR B 190 12.84 24.32 -7.80
C THR B 190 14.22 24.93 -8.09
N PHE B 191 15.20 24.63 -7.25
CA PHE B 191 16.64 24.93 -7.49
C PHE B 191 17.25 23.68 -8.13
N GLY B 192 18.13 23.87 -9.11
CA GLY B 192 19.04 22.82 -9.57
C GLY B 192 20.47 23.30 -9.39
N PHE B 193 21.35 22.46 -8.88
CA PHE B 193 22.78 22.79 -8.70
C PHE B 193 23.46 22.48 -10.04
N MET B 194 24.21 23.45 -10.54
CA MET B 194 24.81 23.37 -11.89
C MET B 194 25.66 22.10 -11.98
N ARG B 195 26.40 21.77 -10.93
CA ARG B 195 27.30 20.59 -10.93
C ARG B 195 26.45 19.32 -11.10
N ASP B 196 25.36 19.18 -10.34
CA ASP B 196 24.45 18.01 -10.42
C ASP B 196 23.79 17.97 -11.80
N ILE B 197 23.42 19.12 -12.36
CA ILE B 197 22.78 19.10 -13.71
C ILE B 197 23.85 18.69 -14.72
N GLU B 198 25.06 19.25 -14.60
CA GLU B 198 26.20 18.90 -15.49
C GLU B 198 26.41 17.39 -15.39
N TYR B 199 26.46 16.84 -14.18
CA TYR B 199 26.63 15.38 -14.02
C TYR B 199 25.52 14.66 -14.80
N LEU B 200 24.24 15.01 -14.56
CA LEU B 200 23.08 14.28 -15.16
C LEU B 200 23.21 14.30 -16.69
N ARG B 201 23.48 15.48 -17.26
CA ARG B 201 23.65 15.72 -18.72
C ARG B 201 24.75 14.82 -19.28
N SER B 202 25.79 14.56 -18.49
CA SER B 202 26.97 13.73 -18.88
C SER B 202 26.52 12.29 -19.07
N GLN B 203 25.37 11.90 -18.49
CA GLN B 203 24.78 10.55 -18.61
C GLN B 203 23.59 10.59 -19.57
N ASN B 204 23.54 11.59 -20.46
CA ASN B 204 22.35 11.95 -21.30
C ASN B 204 21.07 11.84 -20.46
N LEU B 205 21.06 12.49 -19.30
CA LEU B 205 19.83 12.66 -18.45
C LEU B 205 19.62 14.16 -18.25
N ALA B 206 18.44 14.55 -17.80
CA ALA B 206 18.00 15.96 -17.64
C ALA B 206 18.27 16.74 -18.93
N LEU B 207 18.03 16.15 -20.10
CA LEU B 207 18.31 16.82 -21.40
C LEU B 207 17.33 17.98 -21.60
N GLY B 208 16.18 17.99 -20.89
CA GLY B 208 15.17 19.05 -20.96
C GLY B 208 15.32 20.08 -19.86
N GLY B 209 16.19 19.83 -18.89
CA GLY B 209 16.39 20.77 -17.77
C GLY B 209 17.26 21.93 -18.20
N SER B 210 17.01 23.13 -17.65
CA SER B 210 17.73 24.39 -17.97
C SER B 210 17.20 25.55 -17.12
N VAL B 211 17.76 26.74 -17.32
CA VAL B 211 17.25 28.02 -16.71
C VAL B 211 15.79 28.28 -17.11
N GLU B 212 15.26 27.64 -18.15
CA GLU B 212 13.84 27.79 -18.57
C GLU B 212 12.87 27.09 -17.60
N ASN B 213 13.31 26.10 -16.84
CA ASN B 213 12.41 25.30 -15.97
C ASN B 213 13.00 25.08 -14.57
N ALA B 214 14.08 25.78 -14.23
CA ALA B 214 14.63 25.73 -12.86
C ALA B 214 15.43 26.99 -12.59
N ILE B 215 15.56 27.32 -11.30
CA ILE B 215 16.55 28.31 -10.83
C ILE B 215 17.88 27.58 -10.70
N VAL B 216 18.85 27.94 -11.53
CA VAL B 216 20.16 27.24 -11.55
C VAL B 216 21.09 27.99 -10.58
N VAL B 217 21.80 27.24 -9.74
CA VAL B 217 22.61 27.76 -8.61
C VAL B 217 24.05 27.29 -8.83
N ASP B 218 25.01 28.20 -8.61
CA ASP B 218 26.47 27.94 -8.68
C ASP B 218 26.93 27.28 -7.39
N GLU B 219 28.24 27.17 -7.19
CA GLU B 219 28.83 26.71 -5.91
C GLU B 219 28.42 27.69 -4.81
N ASN B 220 27.96 28.89 -5.22
CA ASN B 220 27.74 30.09 -4.38
C ASN B 220 26.26 30.52 -4.41
N ARG B 221 25.78 30.94 -5.59
CA ARG B 221 24.68 31.93 -5.77
C ARG B 221 23.80 31.58 -6.98
N VAL B 222 22.58 32.12 -6.99
CA VAL B 222 21.56 32.00 -8.07
C VAL B 222 22.09 32.73 -9.30
N LEU B 223 22.18 32.03 -10.43
CA LEU B 223 22.64 32.57 -11.74
C LEU B 223 21.49 33.28 -12.47
N ASN B 224 20.26 32.76 -12.36
CA ASN B 224 19.07 33.41 -12.96
C ASN B 224 18.27 34.08 -11.83
N GLU B 225 18.87 35.07 -11.15
CA GLU B 225 18.25 35.93 -10.10
C GLU B 225 16.96 36.55 -10.62
N ASP B 226 17.03 37.08 -11.84
CA ASP B 226 15.93 37.78 -12.56
C ASP B 226 14.75 36.82 -12.70
N GLY B 227 15.01 35.51 -12.75
CA GLY B 227 13.98 34.44 -12.93
C GLY B 227 13.22 34.06 -11.67
N LEU B 228 13.60 34.56 -10.48
CA LEU B 228 12.88 34.29 -9.21
C LEU B 228 11.48 34.94 -9.27
N ARG B 229 10.43 34.17 -8.96
CA ARG B 229 9.02 34.64 -9.02
C ARG B 229 8.47 34.99 -7.63
N TYR B 230 9.00 34.40 -6.55
CA TYR B 230 8.52 34.62 -5.17
C TYR B 230 9.73 34.74 -4.26
N GLU B 231 9.57 35.36 -3.09
CA GLU B 231 10.51 35.20 -1.95
C GLU B 231 10.31 33.78 -1.39
N ASP B 232 11.37 33.14 -0.88
CA ASP B 232 11.26 31.75 -0.36
C ASP B 232 10.54 30.89 -1.45
N GLU B 233 10.89 31.07 -2.73
CA GLU B 233 10.35 30.24 -3.85
C GLU B 233 10.71 28.74 -3.67
N PHE B 234 11.94 28.41 -3.26
CA PHE B 234 12.37 27.00 -3.11
C PHE B 234 11.41 26.26 -2.18
N VAL B 235 11.06 26.87 -1.03
CA VAL B 235 10.15 26.24 -0.04
C VAL B 235 8.74 26.18 -0.63
N LYS B 236 8.29 27.17 -1.43
CA LYS B 236 6.94 27.13 -2.05
C LYS B 236 6.87 26.00 -3.08
N HIS B 237 7.95 25.72 -3.78
CA HIS B 237 8.02 24.58 -4.74
C HIS B 237 7.96 23.26 -3.93
N LYS B 238 8.54 23.17 -2.72
CA LYS B 238 8.47 21.93 -1.87
C LYS B 238 7.01 21.69 -1.50
N ILE B 239 6.23 22.78 -1.34
CA ILE B 239 4.77 22.74 -1.06
C ILE B 239 4.00 22.32 -2.32
N LEU B 240 4.38 22.85 -3.48
CA LEU B 240 3.72 22.50 -4.77
C LEU B 240 3.88 20.98 -4.99
N ASP B 241 5.10 20.48 -4.87
CA ASP B 241 5.44 19.03 -4.88
C ASP B 241 4.59 18.24 -3.87
N ALA B 242 4.50 18.69 -2.62
CA ALA B 242 3.75 17.99 -1.54
C ALA B 242 2.25 17.90 -1.92
N ILE B 243 1.68 18.94 -2.53
CA ILE B 243 0.23 18.94 -2.90
C ILE B 243 0.01 17.89 -3.99
N GLY B 244 0.90 17.83 -4.98
CA GLY B 244 0.85 16.85 -6.07
C GLY B 244 1.00 15.43 -5.54
N ASP B 245 1.97 15.19 -4.68
CA ASP B 245 2.09 13.87 -4.01
C ASP B 245 0.83 13.59 -3.18
N LEU B 246 0.37 14.50 -2.31
CA LEU B 246 -0.85 14.25 -1.48
C LEU B 246 -2.04 13.84 -2.36
N TYR B 247 -2.10 14.28 -3.62
CA TYR B 247 -3.27 13.97 -4.49
C TYR B 247 -3.22 12.50 -4.93
N LEU B 248 -2.10 11.80 -4.69
CA LEU B 248 -2.04 10.33 -4.96
C LEU B 248 -3.00 9.56 -4.01
N LEU B 249 -3.49 10.20 -2.96
CA LEU B 249 -4.52 9.64 -2.04
C LEU B 249 -5.80 9.41 -2.82
N GLY B 250 -6.01 10.19 -3.88
CA GLY B 250 -7.12 10.00 -4.84
C GLY B 250 -8.30 10.88 -4.52
N ASN B 251 -8.20 11.67 -3.45
CA ASN B 251 -9.26 12.65 -3.10
C ASN B 251 -8.56 13.84 -2.46
N SER B 252 -9.23 14.98 -2.49
CA SER B 252 -8.81 16.18 -1.75
C SER B 252 -8.67 15.83 -0.26
N LEU B 253 -7.68 16.44 0.39
CA LEU B 253 -7.33 16.18 1.81
C LEU B 253 -7.86 17.29 2.72
N ILE B 254 -8.52 16.91 3.82
CA ILE B 254 -8.88 17.78 4.97
C ILE B 254 -7.90 17.45 6.10
N GLY B 255 -6.92 18.30 6.29
CA GLY B 255 -5.80 17.98 7.16
C GLY B 255 -4.62 18.84 6.85
N GLU B 256 -3.60 18.68 7.66
CA GLU B 256 -2.38 19.50 7.63
C GLU B 256 -1.25 18.55 7.33
N PHE B 257 -0.42 18.90 6.36
CA PHE B 257 0.90 18.24 6.11
C PHE B 257 2.03 19.15 6.59
N ARG B 258 2.98 18.62 7.36
CA ARG B 258 4.21 19.34 7.77
C ARG B 258 5.40 18.54 7.23
N GLY B 259 6.19 19.18 6.37
CA GLY B 259 7.45 18.66 5.82
C GLY B 259 8.64 19.27 6.54
N PHE B 260 9.59 18.45 6.98
CA PHE B 260 10.90 18.92 7.50
C PHE B 260 12.00 18.24 6.69
N LYS B 261 12.56 18.98 5.74
CA LYS B 261 13.58 18.48 4.78
C LYS B 261 13.06 17.28 3.99
N SER B 262 11.75 17.12 3.88
CA SER B 262 11.17 15.92 3.21
C SER B 262 11.19 16.11 1.69
N GLY B 263 11.04 14.99 0.97
CA GLY B 263 10.95 14.98 -0.49
C GLY B 263 9.99 13.89 -0.94
N HIS B 264 10.03 13.60 -2.23
CA HIS B 264 9.07 12.68 -2.87
C HIS B 264 9.09 11.31 -2.15
N ALA B 265 10.27 10.78 -1.84
CA ALA B 265 10.38 9.41 -1.28
C ALA B 265 9.61 9.38 0.06
N LEU B 266 9.89 10.34 0.94
CA LEU B 266 9.27 10.41 2.29
C LEU B 266 7.80 10.77 2.16
N ASN B 267 7.43 11.64 1.21
CA ASN B 267 6.02 11.97 0.96
C ASN B 267 5.29 10.66 0.69
N ASN B 268 5.84 9.80 -0.15
CA ASN B 268 5.19 8.54 -0.53
C ASN B 268 5.20 7.61 0.69
N GLN B 269 6.26 7.60 1.49
CA GLN B 269 6.24 6.73 2.69
C GLN B 269 5.07 7.17 3.56
N LEU B 270 4.87 8.49 3.71
CA LEU B 270 3.82 9.03 4.60
C LEU B 270 2.45 8.61 4.08
N LEU B 271 2.20 8.75 2.77
CA LEU B 271 0.87 8.42 2.18
C LEU B 271 0.52 6.97 2.53
N ARG B 272 1.46 6.08 2.28
CA ARG B 272 1.23 4.63 2.47
C ARG B 272 1.14 4.29 3.96
N THR B 273 1.85 5.01 4.83
CA THR B 273 1.73 4.82 6.30
C THR B 273 0.34 5.29 6.73
N LEU B 274 -0.10 6.41 6.19
CA LEU B 274 -1.46 6.93 6.47
C LEU B 274 -2.50 5.90 6.04
N ILE B 275 -2.38 5.44 4.79
CA ILE B 275 -3.33 4.46 4.20
C ILE B 275 -3.42 3.22 5.09
N ALA B 276 -2.29 2.69 5.53
CA ALA B 276 -2.20 1.51 6.43
C ALA B 276 -2.88 1.77 7.79
N ASP B 277 -2.93 3.02 8.26
CA ASP B 277 -3.35 3.37 9.65
C ASP B 277 -4.84 3.74 9.60
N LYS B 278 -5.69 2.71 9.65
CA LYS B 278 -7.07 2.80 9.14
C LYS B 278 -7.89 3.73 10.04
N ASP B 279 -7.54 3.83 11.33
CA ASP B 279 -8.24 4.68 12.30
C ASP B 279 -7.72 6.13 12.24
N ALA B 280 -6.74 6.44 11.40
CA ALA B 280 -6.10 7.78 11.33
C ALA B 280 -6.82 8.64 10.30
N TRP B 281 -7.74 8.07 9.51
CA TRP B 281 -8.37 8.81 8.40
C TRP B 281 -9.78 8.26 8.11
N GLU B 282 -10.61 9.07 7.47
CA GLU B 282 -11.98 8.68 7.07
C GLU B 282 -12.31 9.40 5.76
N VAL B 283 -13.18 8.81 4.96
CA VAL B 283 -13.77 9.49 3.79
C VAL B 283 -15.03 10.20 4.22
N VAL B 284 -15.20 11.47 3.84
CA VAL B 284 -16.44 12.22 4.17
C VAL B 284 -16.94 12.91 2.91
N THR B 285 -18.24 13.19 2.87
CA THR B 285 -18.88 14.03 1.84
C THR B 285 -19.64 15.14 2.57
N PHE B 286 -20.00 16.22 1.89
CA PHE B 286 -20.74 17.35 2.49
C PHE B 286 -22.05 17.55 1.71
N GLU B 287 -23.19 17.13 2.28
CA GLU B 287 -24.53 17.31 1.68
C GLU B 287 -24.87 18.79 1.58
N ASP B 288 -24.48 19.58 2.59
CA ASP B 288 -24.57 21.06 2.61
C ASP B 288 -23.14 21.59 2.43
N ALA B 289 -22.86 22.26 1.31
CA ALA B 289 -21.53 22.77 0.91
C ALA B 289 -21.00 23.76 1.95
N ARG B 290 -21.91 24.32 2.75
CA ARG B 290 -21.60 25.39 3.72
C ARG B 290 -21.20 24.76 5.07
N THR B 291 -21.31 23.43 5.21
CA THR B 291 -20.74 22.65 6.35
C THR B 291 -19.34 22.13 5.98
N ALA B 292 -18.63 22.77 5.04
CA ALA B 292 -17.29 22.34 4.56
C ALA B 292 -16.27 23.45 4.77
N PRO B 293 -14.99 23.09 5.01
CA PRO B 293 -13.94 24.08 5.19
C PRO B 293 -13.29 24.61 3.88
N ILE B 294 -13.11 23.75 2.86
CA ILE B 294 -12.18 24.01 1.71
C ILE B 294 -12.85 24.87 0.63
N SER B 295 -12.09 25.83 0.10
CA SER B 295 -12.46 26.79 -0.98
C SER B 295 -11.77 26.40 -2.31
N TYR B 296 -12.54 26.33 -3.41
CA TYR B 296 -12.06 25.94 -4.78
C TYR B 296 -12.58 26.92 -5.83
N MET B 297 -11.87 26.98 -6.97
CA MET B 297 -12.16 27.84 -8.15
C MET B 297 -13.61 27.58 -8.56
N ARG B 298 -14.50 28.56 -8.46
CA ARG B 298 -15.93 28.43 -8.87
C ARG B 298 -15.97 28.03 -10.34
N PRO B 299 -16.74 26.97 -10.72
CA PRO B 299 -16.79 26.52 -12.11
C PRO B 299 -17.20 27.62 -13.10
C1 FXU C . -14.25 -20.99 12.83
C2 FXU C . -14.59 -19.69 13.13
C3 FXU C . -13.66 -18.69 13.09
C4 FXU C . -12.34 -18.94 12.77
C5 FXU C . -11.94 -20.26 12.45
C6 FXU C . -12.90 -21.28 12.49
N7 FXU C . -11.54 -17.82 12.80
C8 FXU C . -10.21 -17.78 12.52
C9 FXU C . -9.54 -16.45 12.58
N10 FXU C . -8.26 -16.53 11.84
C11 FXU C . -9.30 -16.26 14.08
C12 FXU C . -8.88 -14.84 14.45
O13 FXU C . -9.48 -18.75 12.32
O14 FXU C . -15.86 -19.30 13.43
C15 FXU C . -16.56 -19.68 14.61
S19 FXU C . -8.60 -14.64 16.08
O20 FXU C . -8.19 -13.28 16.25
C21 FXU C . -9.98 -14.94 16.94
O22 FXU C . -7.62 -15.53 16.55
F16 FXU C . -16.64 -21.01 14.68
F17 FXU C . -17.74 -19.09 14.53
F18 FXU C . -15.94 -19.31 15.70
ZN ZN D . -7.18 -18.16 12.06
MG MG E . 13.01 4.30 7.11
CL CL F . 7.44 -4.88 22.04
C1 FXU G . 14.09 20.83 -13.77
C2 FXU G . 14.83 19.87 -13.09
C3 FXU G . 14.29 19.26 -11.96
C4 FXU G . 13.01 19.57 -11.50
C5 FXU G . 12.30 20.55 -12.17
C6 FXU G . 12.84 21.17 -13.30
N7 FXU G . 12.60 18.89 -10.39
C8 FXU G . 11.46 19.04 -9.72
C9 FXU G . 11.28 18.15 -8.52
N10 FXU G . 9.83 18.05 -8.22
C11 FXU G . 12.04 18.87 -7.39
C12 FXU G . 12.28 18.03 -6.16
O13 FXU G . 10.61 19.88 -10.01
O14 FXU G . 16.05 19.48 -13.53
C15 FXU G . 17.21 20.25 -13.29
S19 FXU G . 13.15 18.83 -4.96
O20 FXU G . 13.24 17.96 -3.84
C21 FXU G . 14.67 19.14 -5.56
O22 FXU G . 12.48 20.03 -4.59
F16 FXU G . 18.10 19.71 -14.10
F17 FXU G . 17.51 20.19 -11.99
F18 FXU G . 16.99 21.51 -13.62
ZN ZN H . 8.87 19.74 -8.36
MG MG I . -3.93 3.89 14.35
CL CL J . 8.24 3.13 -20.54
#